data_4IBI
#
_entry.id   4IBI
#
_cell.length_a   51.302
_cell.length_b   65.451
_cell.length_c   72.653
_cell.angle_alpha   90.00
_cell.angle_beta   90.00
_cell.angle_gamma   90.00
#
_symmetry.space_group_name_H-M   'P 21 21 21'
#
loop_
_entity.id
_entity.type
_entity.pdbx_description
1 polymer 'Polymerase cofactor VP35'
2 non-polymer '3-{(2S)-2-(7-chloro-1,3-benzodioxol-5-yl)-4-hydroxy-5-oxo-3-[3-(trifluoromethyl)benzoyl]-2,5-dihydro-1H-pyrrol-1-yl}benzoic acid'
3 water water
#
_entity_poly.entity_id   1
_entity_poly.type   'polypeptide(L)'
_entity_poly.pdbx_seq_one_letter_code
;GHMGKPDISAKDLRNIMYDHLPGFGTAFHQLVQVICKLGKDSNSLDIIHAEFQASLAEGDSPQCALIQITKRVPIFQDAA
PPVIHIRSRGDIPRACQKSLRPVPPSPKIDRGWVCVFQLQDGKTLGLKI
;
_entity_poly.pdbx_strand_id   A,B
#
# COMPACT_ATOMS: atom_id res chain seq x y z
N ASP A 7 -2.91 21.82 -21.16
CA ASP A 7 -2.55 21.62 -19.76
C ASP A 7 -1.26 20.81 -19.62
N ILE A 8 -0.48 21.11 -18.59
CA ILE A 8 0.73 20.34 -18.30
C ILE A 8 0.38 18.90 -17.93
N SER A 9 1.13 17.96 -18.48
CA SER A 9 0.88 16.55 -18.21
C SER A 9 1.84 16.03 -17.17
N ALA A 10 1.58 14.82 -16.67
CA ALA A 10 2.47 14.23 -15.69
C ALA A 10 3.88 14.03 -16.25
N LYS A 11 3.96 13.57 -17.49
CA LYS A 11 5.24 13.39 -18.20
C LYS A 11 5.99 14.71 -18.35
N ASP A 12 5.29 15.74 -18.85
CA ASP A 12 5.88 17.08 -18.95
C ASP A 12 6.45 17.59 -17.63
N LEU A 13 5.69 17.48 -16.55
CA LEU A 13 6.16 17.98 -15.29
C LEU A 13 7.34 17.16 -14.77
N ARG A 14 7.25 15.85 -14.90
CA ARG A 14 8.38 14.96 -14.59
C ARG A 14 9.65 15.42 -15.29
N ASN A 15 9.56 15.70 -16.59
CA ASN A 15 10.75 16.10 -17.34
C ASN A 15 11.26 17.49 -16.94
N ILE A 16 10.32 18.40 -16.68
CA ILE A 16 10.69 19.73 -16.18
C ILE A 16 11.48 19.62 -14.88
N MET A 17 10.98 18.80 -13.95
CA MET A 17 11.63 18.62 -12.66
C MET A 17 12.97 17.90 -12.79
N TYR A 18 13.02 16.86 -13.62
CA TYR A 18 14.24 16.11 -13.84
C TYR A 18 15.32 17.04 -14.35
N ASP A 19 14.92 18.00 -15.20
CA ASP A 19 15.85 18.95 -15.80
CA ASP A 19 15.86 18.94 -15.80
C ASP A 19 16.67 19.70 -14.75
N HIS A 20 16.11 19.83 -13.56
CA HIS A 20 16.76 20.60 -12.50
C HIS A 20 17.60 19.75 -11.54
N LEU A 21 17.50 18.43 -11.65
CA LEU A 21 18.14 17.55 -10.67
C LEU A 21 19.48 17.02 -11.15
N PRO A 22 20.47 16.98 -10.26
CA PRO A 22 21.76 16.37 -10.59
C PRO A 22 21.66 14.84 -10.48
N GLY A 23 22.57 14.13 -11.12
CA GLY A 23 22.55 12.69 -11.02
C GLY A 23 21.40 12.05 -11.80
N PHE A 24 21.18 10.76 -11.54
CA PHE A 24 20.21 10.01 -12.30
C PHE A 24 19.68 8.87 -11.43
N GLY A 25 18.36 8.70 -11.40
CA GLY A 25 17.76 7.64 -10.60
C GLY A 25 18.02 7.81 -9.12
N THR A 26 18.09 9.07 -8.68
CA THR A 26 18.30 9.36 -7.27
C THR A 26 16.97 9.35 -6.54
N ALA A 27 17.01 9.45 -5.22
CA ALA A 27 15.77 9.45 -4.45
C ALA A 27 14.89 10.64 -4.83
N PHE A 28 15.52 11.75 -5.21
CA PHE A 28 14.76 12.93 -5.63
C PHE A 28 14.05 12.69 -6.97
N HIS A 29 14.66 11.89 -7.85
CA HIS A 29 13.99 11.52 -9.09
C HIS A 29 12.73 10.69 -8.80
N GLN A 30 12.84 9.81 -7.81
CA GLN A 30 11.70 9.01 -7.46
C GLN A 30 10.64 9.88 -6.79
N LEU A 31 11.07 10.86 -6.01
CA LEU A 31 10.12 11.79 -5.41
C LEU A 31 9.38 12.56 -6.50
N VAL A 32 10.07 12.91 -7.60
CA VAL A 32 9.38 13.54 -8.72
C VAL A 32 8.33 12.57 -9.28
N GLN A 33 8.71 11.30 -9.46
CA GLN A 33 7.72 10.32 -9.93
C GLN A 33 6.46 10.28 -9.06
N VAL A 34 6.67 10.25 -7.75
CA VAL A 34 5.56 10.16 -6.80
C VAL A 34 4.68 11.42 -6.84
N ILE A 35 5.34 12.58 -6.83
CA ILE A 35 4.64 13.87 -6.88
C ILE A 35 3.80 13.96 -8.14
N CYS A 36 4.34 13.52 -9.27
CA CYS A 36 3.63 13.59 -10.53
C CYS A 36 2.47 12.59 -10.62
N LYS A 37 2.67 11.38 -10.11
CA LYS A 37 1.60 10.37 -10.08
C LYS A 37 0.42 10.83 -9.20
N LEU A 38 0.73 11.18 -7.96
CA LEU A 38 -0.31 11.61 -7.03
CA LEU A 38 -0.29 11.62 -7.02
C LEU A 38 -0.94 12.94 -7.46
N GLY A 39 -0.14 13.81 -8.06
CA GLY A 39 -0.61 15.06 -8.60
C GLY A 39 -1.59 14.81 -9.75
N LYS A 40 -1.25 13.87 -10.64
CA LYS A 40 -2.13 13.54 -11.75
C LYS A 40 -3.45 13.00 -11.23
N ASP A 41 -3.33 12.09 -10.26
CA ASP A 41 -4.51 11.43 -9.70
C ASP A 41 -5.45 12.36 -8.93
N SER A 42 -4.97 13.54 -8.55
CA SER A 42 -5.80 14.51 -7.87
CA SER A 42 -5.82 14.51 -7.88
C SER A 42 -5.87 15.83 -8.64
N ASN A 43 -5.65 15.75 -9.96
CA ASN A 43 -5.79 16.90 -10.84
C ASN A 43 -5.09 18.16 -10.32
N SER A 44 -3.92 17.96 -9.72
CA SER A 44 -3.20 19.04 -9.07
C SER A 44 -1.84 19.36 -9.67
N LEU A 45 -1.61 18.94 -10.90
CA LEU A 45 -0.31 19.17 -11.51
C LEU A 45 0.01 20.64 -11.72
N ASP A 46 -1.04 21.44 -11.95
CA ASP A 46 -0.82 22.86 -12.18
C ASP A 46 -0.30 23.56 -10.92
N ILE A 47 -0.95 23.32 -9.78
CA ILE A 47 -0.50 23.96 -8.55
C ILE A 47 0.88 23.42 -8.15
N ILE A 48 1.12 22.13 -8.39
CA ILE A 48 2.44 21.59 -8.07
C ILE A 48 3.53 22.27 -8.92
N HIS A 49 3.28 22.39 -10.21
CA HIS A 49 4.23 23.08 -11.08
C HIS A 49 4.47 24.52 -10.63
N ALA A 50 3.38 25.20 -10.27
CA ALA A 50 3.50 26.60 -9.80
C ALA A 50 4.30 26.74 -8.49
N GLU A 51 4.09 25.81 -7.55
CA GLU A 51 4.87 25.84 -6.30
C GLU A 51 6.33 25.55 -6.58
N PHE A 52 6.59 24.60 -7.48
CA PHE A 52 7.96 24.27 -7.85
C PHE A 52 8.70 25.49 -8.41
N GLN A 53 8.07 26.11 -9.42
CA GLN A 53 8.64 27.30 -10.03
C GLN A 53 8.79 28.47 -9.04
N ALA A 54 7.81 28.64 -8.15
CA ALA A 54 7.89 29.74 -7.18
C ALA A 54 9.05 29.52 -6.20
N SER A 55 9.20 28.30 -5.71
CA SER A 55 10.33 28.00 -4.83
CA SER A 55 10.32 27.98 -4.84
C SER A 55 11.66 28.25 -5.55
N LEU A 56 11.76 27.80 -6.80
CA LEU A 56 13.01 28.09 -7.54
C LEU A 56 13.25 29.60 -7.68
N ALA A 57 12.18 30.35 -7.97
CA ALA A 57 12.27 31.79 -8.13
C ALA A 57 12.73 32.52 -6.87
N GLU A 58 12.48 31.93 -5.69
CA GLU A 58 12.91 32.53 -4.43
C GLU A 58 14.35 32.18 -4.10
N GLY A 59 14.92 31.26 -4.87
CA GLY A 59 16.32 30.93 -4.75
C GLY A 59 16.56 29.59 -4.07
N ASP A 60 15.50 28.83 -3.82
CA ASP A 60 15.65 27.50 -3.24
C ASP A 60 16.28 26.54 -4.23
N SER A 61 16.98 25.54 -3.72
CA SER A 61 17.50 24.46 -4.57
C SER A 61 16.30 23.66 -5.08
N PRO A 62 16.46 22.94 -6.20
CA PRO A 62 15.33 22.14 -6.71
C PRO A 62 14.91 21.06 -5.71
N GLN A 63 15.88 20.51 -5.00
CA GLN A 63 15.60 19.52 -3.95
C GLN A 63 14.69 20.10 -2.85
N CYS A 64 15.09 21.26 -2.33
CA CYS A 64 14.30 21.99 -1.35
CA CYS A 64 14.29 22.02 -1.37
C CYS A 64 12.90 22.30 -1.90
N ALA A 65 12.81 22.64 -3.19
CA ALA A 65 11.52 22.91 -3.82
C ALA A 65 10.60 21.69 -3.81
N LEU A 66 11.18 20.52 -4.11
CA LEU A 66 10.40 19.26 -4.09
C LEU A 66 9.88 18.93 -2.67
N ILE A 67 10.78 19.02 -1.69
CA ILE A 67 10.34 18.84 -0.29
C ILE A 67 9.24 19.85 0.14
N GLN A 68 9.42 21.10 -0.29
CA GLN A 68 8.43 22.12 0.03
C GLN A 68 7.09 21.78 -0.61
N ILE A 69 7.09 21.19 -1.80
CA ILE A 69 5.84 20.73 -2.38
C ILE A 69 5.21 19.71 -1.47
N THR A 70 6.01 18.74 -0.99
CA THR A 70 5.39 17.80 -0.05
C THR A 70 4.83 18.45 1.22
N LYS A 71 5.35 19.62 1.60
CA LYS A 71 4.80 20.28 2.79
C LYS A 71 3.67 21.31 2.59
N ARG A 72 3.56 21.88 1.39
CA ARG A 72 2.67 23.00 1.10
C ARG A 72 1.49 22.68 0.17
N VAL A 73 1.59 21.61 -0.60
CA VAL A 73 0.47 21.21 -1.43
C VAL A 73 -0.38 20.22 -0.64
N PRO A 74 -1.67 20.54 -0.42
CA PRO A 74 -2.51 19.79 0.52
C PRO A 74 -2.66 18.29 0.26
N ILE A 75 -2.56 17.80 -0.96
CA ILE A 75 -2.68 16.35 -1.19
C ILE A 75 -1.58 15.51 -0.54
N PHE A 76 -0.47 16.15 -0.15
CA PHE A 76 0.65 15.43 0.47
C PHE A 76 0.71 15.58 1.97
N GLN A 77 -0.04 16.54 2.49
CA GLN A 77 -0.04 16.83 3.91
C GLN A 77 -0.59 15.63 4.68
N ASP A 78 0.23 15.14 5.60
CA ASP A 78 -0.07 13.94 6.39
C ASP A 78 -0.50 12.72 5.54
N ALA A 79 -0.01 12.65 4.30
CA ALA A 79 -0.37 11.53 3.43
C ALA A 79 0.63 10.39 3.56
N ALA A 80 0.15 9.15 3.45
CA ALA A 80 1.01 7.97 3.49
C ALA A 80 1.69 7.82 2.14
N PRO A 81 2.90 7.23 2.13
CA PRO A 81 3.60 7.04 0.84
C PRO A 81 2.84 6.02 -0.01
N PRO A 82 2.84 6.22 -1.33
CA PRO A 82 2.20 5.23 -2.19
C PRO A 82 2.98 3.93 -2.19
N VAL A 83 2.28 2.83 -2.43
CA VAL A 83 2.91 1.52 -2.54
C VAL A 83 3.15 1.22 -4.01
N ILE A 84 4.39 0.88 -4.34
CA ILE A 84 4.75 0.56 -5.70
C ILE A 84 5.22 -0.88 -5.76
N HIS A 85 4.56 -1.71 -6.56
CA HIS A 85 4.92 -3.12 -6.65
CA HIS A 85 4.92 -3.12 -6.65
C HIS A 85 6.08 -3.34 -7.60
N ILE A 86 7.12 -4.00 -7.10
CA ILE A 86 8.27 -4.34 -7.93
C ILE A 86 8.64 -5.79 -7.66
N ARG A 87 9.48 -6.36 -8.51
CA ARG A 87 9.84 -7.76 -8.37
C ARG A 87 10.89 -7.98 -7.29
N SER A 88 12.01 -7.27 -7.40
CA SER A 88 13.05 -7.37 -6.37
C SER A 88 13.79 -6.06 -6.22
N ARG A 89 14.71 -6.03 -5.26
CA ARG A 89 15.45 -4.81 -4.94
C ARG A 89 16.22 -4.29 -6.15
N GLY A 90 16.64 -5.20 -7.04
CA GLY A 90 17.39 -4.82 -8.22
C GLY A 90 16.66 -3.92 -9.20
N ASP A 91 15.33 -3.87 -9.11
CA ASP A 91 14.53 -3.01 -10.00
C ASP A 91 14.69 -1.53 -9.65
N ILE A 92 15.10 -1.26 -8.41
CA ILE A 92 15.29 0.09 -7.91
C ILE A 92 16.64 0.63 -8.40
N PRO A 93 16.66 1.86 -8.92
CA PRO A 93 17.90 2.43 -9.46
C PRO A 93 19.05 2.44 -8.46
N ARG A 94 20.27 2.26 -8.95
CA ARG A 94 21.48 2.24 -8.13
C ARG A 94 21.56 3.41 -7.15
N ALA A 95 21.27 4.62 -7.63
CA ALA A 95 21.43 5.81 -6.81
C ALA A 95 20.42 5.91 -5.68
N CYS A 96 19.41 5.03 -5.70
CA CYS A 96 18.42 5.01 -4.62
C CYS A 96 18.72 3.98 -3.54
N GLN A 97 19.65 3.07 -3.80
CA GLN A 97 19.79 1.87 -2.97
C GLN A 97 20.12 2.17 -1.52
N LYS A 98 21.01 3.13 -1.30
CA LYS A 98 21.39 3.48 0.07
C LYS A 98 20.31 4.28 0.82
N SER A 99 19.25 4.68 0.12
CA SER A 99 18.15 5.42 0.74
C SER A 99 16.98 4.51 1.09
N LEU A 100 17.12 3.21 0.84
CA LEU A 100 16.09 2.24 1.17
C LEU A 100 16.21 1.79 2.61
N ARG A 101 15.07 1.76 3.32
CA ARG A 101 15.06 1.50 4.75
C ARG A 101 13.90 0.59 5.12
N PRO A 102 13.99 -0.07 6.28
CA PRO A 102 12.80 -0.78 6.79
C PRO A 102 11.64 0.21 6.91
N VAL A 103 10.43 -0.24 6.64
CA VAL A 103 9.25 0.64 6.72
C VAL A 103 8.84 0.85 8.18
N PRO A 104 8.75 2.11 8.62
CA PRO A 104 8.36 2.46 10.00
C PRO A 104 6.84 2.35 10.19
N PRO A 105 6.36 2.57 11.43
N PRO A 105 6.37 2.34 11.44
CA PRO A 105 4.94 2.39 11.76
C PRO A 105 3.73 3.15 11.16
C PRO A 105 4.64 3.85 11.37
N SER A 106 3.97 4.06 10.25
CA SER A 106 3.12 5.21 9.95
C SER A 106 3.95 6.20 9.16
N PRO A 107 4.56 5.74 8.06
CA PRO A 107 5.40 6.68 7.30
C PRO A 107 4.54 7.74 6.64
N LYS A 108 5.10 8.94 6.48
CA LYS A 108 4.38 10.04 5.85
CA LYS A 108 4.39 10.05 5.88
C LYS A 108 5.26 10.69 4.80
N ILE A 109 4.65 11.04 3.67
CA ILE A 109 5.38 11.68 2.58
C ILE A 109 6.06 12.98 3.04
N ASP A 110 5.35 13.78 3.83
CA ASP A 110 5.87 15.07 4.26
C ASP A 110 6.87 14.98 5.43
N ARG A 111 7.16 13.76 5.84
CA ARG A 111 8.26 13.45 6.75
C ARG A 111 9.41 12.77 6.00
N GLY A 112 9.31 12.71 4.67
CA GLY A 112 10.45 12.27 3.87
C GLY A 112 10.35 10.86 3.35
N TRP A 113 9.27 10.16 3.68
CA TRP A 113 9.02 8.84 3.08
C TRP A 113 8.34 8.96 1.73
N VAL A 114 9.17 8.81 0.69
CA VAL A 114 8.77 8.99 -0.71
C VAL A 114 7.77 7.94 -1.22
N CYS A 115 8.13 6.68 -1.03
CA CYS A 115 7.25 5.60 -1.44
C CYS A 115 7.65 4.34 -0.70
N VAL A 116 6.81 3.33 -0.84
CA VAL A 116 7.09 2.05 -0.23
C VAL A 116 7.09 1.04 -1.37
N PHE A 117 8.20 0.33 -1.53
CA PHE A 117 8.31 -0.70 -2.55
C PHE A 117 7.87 -2.02 -1.97
N GLN A 118 6.90 -2.67 -2.64
CA GLN A 118 6.38 -3.96 -2.20
C GLN A 118 7.00 -5.00 -3.12
N LEU A 119 7.90 -5.82 -2.59
CA LEU A 119 8.65 -6.77 -3.42
C LEU A 119 7.87 -8.08 -3.62
N GLN A 120 8.17 -8.78 -4.70
CA GLN A 120 7.37 -9.94 -5.07
C GLN A 120 7.36 -11.03 -3.99
N ASP A 121 8.45 -11.13 -3.23
CA ASP A 121 8.58 -12.19 -2.21
C ASP A 121 8.03 -11.78 -0.85
N GLY A 122 7.45 -10.58 -0.79
CA GLY A 122 6.81 -10.12 0.44
C GLY A 122 7.60 -9.07 1.20
N LYS A 123 8.87 -8.93 0.86
CA LYS A 123 9.72 -7.89 1.45
C LYS A 123 9.14 -6.50 1.15
N THR A 124 9.40 -5.56 2.05
CA THR A 124 8.93 -4.18 1.87
CA THR A 124 8.91 -4.20 1.91
C THR A 124 10.02 -3.22 2.30
N LEU A 125 10.25 -2.20 1.48
CA LEU A 125 11.31 -1.21 1.75
C LEU A 125 10.77 0.19 1.50
N GLY A 126 11.04 1.11 2.41
CA GLY A 126 10.66 2.50 2.22
C GLY A 126 11.83 3.29 1.64
N LEU A 127 11.51 4.24 0.77
CA LEU A 127 12.53 5.15 0.25
C LEU A 127 12.50 6.44 1.08
N LYS A 128 13.62 6.76 1.72
CA LYS A 128 13.68 7.86 2.66
C LYS A 128 14.57 8.99 2.15
N ILE A 129 14.07 10.22 2.25
CA ILE A 129 14.88 11.42 2.08
C ILE A 129 14.92 12.16 3.43
N MET B 3 8.75 -40.11 6.38
CA MET B 3 9.01 -38.75 6.81
C MET B 3 7.75 -37.99 7.17
N GLY B 4 7.92 -36.76 7.68
CA GLY B 4 6.84 -36.04 8.31
C GLY B 4 6.12 -34.98 7.48
N LYS B 5 4.93 -34.63 7.94
CA LYS B 5 4.15 -33.55 7.35
C LYS B 5 4.87 -32.22 7.56
N PRO B 6 5.16 -31.50 6.47
CA PRO B 6 5.76 -30.15 6.60
C PRO B 6 4.80 -29.16 7.25
N ASP B 7 5.30 -27.97 7.58
CA ASP B 7 4.48 -26.93 8.18
C ASP B 7 3.34 -26.52 7.24
N ILE B 8 2.25 -26.05 7.84
CA ILE B 8 1.13 -25.49 7.10
C ILE B 8 1.60 -24.37 6.17
N SER B 9 1.20 -24.43 4.90
CA SER B 9 1.57 -23.41 3.93
C SER B 9 0.43 -22.41 3.77
N ALA B 10 0.73 -21.25 3.17
CA ALA B 10 -0.29 -20.25 2.94
C ALA B 10 -1.42 -20.82 2.09
N LYS B 11 -1.07 -21.63 1.09
CA LYS B 11 -2.07 -22.25 0.22
C LYS B 11 -2.94 -23.28 0.96
N ASP B 12 -2.30 -24.08 1.80
CA ASP B 12 -3.02 -25.06 2.60
C ASP B 12 -4.02 -24.37 3.52
N LEU B 13 -3.56 -23.31 4.19
CA LEU B 13 -4.41 -22.56 5.11
C LEU B 13 -5.56 -21.88 4.37
N ARG B 14 -5.26 -21.30 3.21
CA ARG B 14 -6.29 -20.65 2.41
CA ARG B 14 -6.27 -20.66 2.38
C ARG B 14 -7.37 -21.66 2.04
N ASN B 15 -6.95 -22.86 1.62
CA ASN B 15 -7.92 -23.90 1.27
C ASN B 15 -8.76 -24.34 2.48
N ILE B 16 -8.09 -24.47 3.63
CA ILE B 16 -8.78 -24.86 4.85
C ILE B 16 -9.87 -23.86 5.21
N MET B 17 -9.51 -22.57 5.14
CA MET B 17 -10.47 -21.52 5.44
C MET B 17 -11.60 -21.44 4.41
N TYR B 18 -11.25 -21.56 3.12
CA TYR B 18 -12.24 -21.55 2.04
C TYR B 18 -13.26 -22.64 2.27
N ASP B 19 -12.80 -23.80 2.75
CA ASP B 19 -13.70 -24.94 2.94
C ASP B 19 -14.83 -24.67 3.93
N HIS B 20 -14.63 -23.68 4.80
CA HIS B 20 -15.63 -23.29 5.78
C HIS B 20 -16.57 -22.17 5.32
N LEU B 21 -16.29 -21.56 4.16
CA LEU B 21 -17.04 -20.37 3.76
C LEU B 21 -18.09 -20.70 2.72
N PRO B 22 -19.28 -20.09 2.84
CA PRO B 22 -20.30 -20.22 1.80
C PRO B 22 -20.01 -19.29 0.62
N GLY B 23 -20.54 -19.64 -0.55
CA GLY B 23 -20.37 -18.82 -1.73
C GLY B 23 -18.94 -18.84 -2.25
N PHE B 24 -18.61 -17.84 -3.05
CA PHE B 24 -17.28 -17.80 -3.64
C PHE B 24 -16.96 -16.39 -4.07
N GLY B 25 -15.71 -16.00 -3.89
CA GLY B 25 -15.30 -14.64 -4.21
C GLY B 25 -15.98 -13.57 -3.38
N THR B 26 -16.34 -13.91 -2.15
CA THR B 26 -16.94 -12.93 -1.24
C THR B 26 -15.85 -12.16 -0.54
N ALA B 27 -16.26 -11.13 0.21
CA ALA B 27 -15.29 -10.32 0.95
C ALA B 27 -14.53 -11.17 1.98
N PHE B 28 -15.18 -12.20 2.53
CA PHE B 28 -14.50 -13.11 3.44
C PHE B 28 -13.44 -13.98 2.74
N HIS B 29 -13.68 -14.34 1.48
CA HIS B 29 -12.68 -15.08 0.73
C HIS B 29 -11.43 -14.21 0.52
N GLN B 30 -11.67 -12.93 0.22
CA GLN B 30 -10.54 -12.00 0.10
C GLN B 30 -9.82 -11.76 1.42
N LEU B 31 -10.58 -11.70 2.52
CA LEU B 31 -9.98 -11.59 3.84
C LEU B 31 -9.09 -12.80 4.14
N VAL B 32 -9.52 -14.00 3.73
CA VAL B 32 -8.68 -15.19 3.88
C VAL B 32 -7.40 -15.00 3.05
N GLN B 33 -7.51 -14.47 1.83
CA GLN B 33 -6.32 -14.23 1.00
CA GLN B 33 -6.30 -14.27 1.03
C GLN B 33 -5.30 -13.31 1.67
N VAL B 34 -5.82 -12.24 2.29
CA VAL B 34 -5.00 -11.24 2.96
C VAL B 34 -4.36 -11.82 4.22
N ILE B 35 -5.15 -12.54 4.98
CA ILE B 35 -4.69 -13.17 6.21
C ILE B 35 -3.57 -14.15 5.91
N CYS B 36 -3.74 -14.94 4.86
CA CYS B 36 -2.71 -15.92 4.51
C CYS B 36 -1.44 -15.27 3.93
N LYS B 37 -1.60 -14.21 3.13
CA LYS B 37 -0.42 -13.51 2.61
C LYS B 37 0.40 -12.81 3.72
N LEU B 38 -0.29 -12.04 4.55
CA LEU B 38 0.41 -11.35 5.63
C LEU B 38 0.95 -12.35 6.65
N GLY B 39 0.18 -13.40 6.88
CA GLY B 39 0.60 -14.47 7.77
C GLY B 39 1.87 -15.13 7.26
N LYS B 40 1.92 -15.39 5.96
CA LYS B 40 3.10 -16.01 5.38
C LYS B 40 4.31 -15.09 5.57
N ASP B 41 4.08 -13.81 5.28
CA ASP B 41 5.16 -12.82 5.30
C ASP B 41 5.70 -12.54 6.70
N SER B 42 4.94 -12.92 7.73
CA SER B 42 5.42 -12.72 9.10
CA SER B 42 5.40 -12.71 9.11
C SER B 42 5.48 -14.03 9.87
N ASN B 43 5.63 -15.13 9.12
CA ASN B 43 5.84 -16.45 9.71
C ASN B 43 4.83 -16.79 10.80
N SER B 44 3.58 -16.38 10.59
CA SER B 44 2.57 -16.48 11.64
C SER B 44 1.40 -17.39 11.26
N LEU B 45 1.60 -18.25 10.25
CA LEU B 45 0.50 -19.11 9.78
C LEU B 45 0.03 -20.06 10.89
N ASP B 46 0.96 -20.50 11.74
CA ASP B 46 0.58 -21.47 12.76
C ASP B 46 -0.38 -20.87 13.80
N ILE B 47 -0.03 -19.69 14.32
CA ILE B 47 -0.90 -19.07 15.33
C ILE B 47 -2.23 -18.65 14.68
N ILE B 48 -2.20 -18.23 13.42
CA ILE B 48 -3.43 -17.88 12.73
C ILE B 48 -4.36 -19.09 12.60
N HIS B 49 -3.79 -20.22 12.20
CA HIS B 49 -4.59 -21.44 12.08
C HIS B 49 -5.15 -21.85 13.44
N ALA B 50 -4.30 -21.77 14.47
CA ALA B 50 -4.72 -22.13 15.82
C ALA B 50 -5.87 -21.23 16.31
N GLU B 51 -5.81 -19.93 16.01
CA GLU B 51 -6.87 -19.02 16.44
C GLU B 51 -8.16 -19.30 15.68
N PHE B 52 -8.03 -19.60 14.39
CA PHE B 52 -9.17 -19.95 13.56
C PHE B 52 -9.90 -21.14 14.16
N GLN B 53 -9.14 -22.22 14.37
CA GLN B 53 -9.72 -23.46 14.88
C GLN B 53 -10.31 -23.27 16.27
N ALA B 54 -9.63 -22.49 17.10
CA ALA B 54 -10.11 -22.27 18.47
C ALA B 54 -11.42 -21.50 18.46
N SER B 55 -11.55 -20.53 17.58
CA SER B 55 -12.81 -19.80 17.47
CA SER B 55 -12.80 -19.80 17.44
C SER B 55 -13.92 -20.73 16.99
N LEU B 56 -13.64 -21.55 15.97
CA LEU B 56 -14.67 -22.52 15.55
C LEU B 56 -15.08 -23.44 16.71
N ALA B 57 -14.11 -23.87 17.52
CA ALA B 57 -14.39 -24.78 18.63
C ALA B 57 -15.24 -24.15 19.74
N GLU B 58 -15.23 -22.83 19.84
CA GLU B 58 -16.05 -22.12 20.82
C GLU B 58 -17.47 -21.94 20.28
N GLY B 59 -17.64 -22.23 18.99
CA GLY B 59 -18.97 -22.15 18.41
C GLY B 59 -19.18 -20.94 17.50
N ASP B 60 -18.11 -20.20 17.23
CA ASP B 60 -18.24 -19.03 16.37
C ASP B 60 -18.43 -19.45 14.92
N SER B 61 -19.14 -18.62 14.15
CA SER B 61 -19.20 -18.81 12.71
C SER B 61 -17.80 -18.62 12.15
N PRO B 62 -17.53 -19.21 10.98
CA PRO B 62 -16.20 -19.02 10.37
C PRO B 62 -15.91 -17.55 10.01
N GLN B 63 -16.94 -16.80 9.64
CA GLN B 63 -16.80 -15.36 9.40
C GLN B 63 -16.29 -14.65 10.64
N CYS B 64 -17.00 -14.91 11.74
CA CYS B 64 -16.60 -14.37 13.04
CA CYS B 64 -16.59 -14.37 13.03
C CYS B 64 -15.18 -14.82 13.38
N ALA B 65 -14.85 -16.08 13.12
CA ALA B 65 -13.49 -16.55 13.36
C ALA B 65 -12.43 -15.72 12.62
N LEU B 66 -12.70 -15.43 11.35
CA LEU B 66 -11.76 -14.62 10.55
C LEU B 66 -11.59 -13.20 11.10
N ILE B 67 -12.72 -12.58 11.46
CA ILE B 67 -12.67 -11.27 12.09
C ILE B 67 -11.88 -11.31 13.41
N GLN B 68 -12.11 -12.37 14.20
CA GLN B 68 -11.40 -12.55 15.46
C GLN B 68 -9.91 -12.65 15.22
N ILE B 69 -9.50 -13.33 14.15
CA ILE B 69 -8.08 -13.35 13.78
C ILE B 69 -7.57 -11.92 13.56
N THR B 70 -8.33 -11.10 12.84
CA THR B 70 -7.83 -9.72 12.68
C THR B 70 -7.76 -8.95 14.01
N LYS B 71 -8.55 -9.40 14.98
CA LYS B 71 -8.51 -8.72 16.28
C LYS B 71 -7.52 -9.26 17.32
N ARG B 72 -7.08 -10.51 17.17
CA ARG B 72 -6.32 -11.16 18.24
C ARG B 72 -4.92 -11.66 17.83
N VAL B 73 -4.63 -11.65 16.53
CA VAL B 73 -3.27 -11.99 16.09
C VAL B 73 -2.53 -10.67 15.92
N PRO B 74 -1.42 -10.48 16.66
CA PRO B 74 -0.72 -9.19 16.76
C PRO B 74 -0.30 -8.53 15.43
N ILE B 75 -0.02 -9.30 14.38
CA ILE B 75 0.37 -8.67 13.12
C ILE B 75 -0.76 -7.84 12.48
N PHE B 76 -2.00 -8.08 12.90
CA PHE B 76 -3.13 -7.37 12.28
C PHE B 76 -3.62 -6.24 13.14
N GLN B 77 -3.16 -6.21 14.39
CA GLN B 77 -3.62 -5.20 15.34
C GLN B 77 -3.14 -3.80 14.96
N ASP B 78 -4.11 -2.94 14.69
CA ASP B 78 -3.84 -1.55 14.28
C ASP B 78 -3.00 -1.46 13.00
N ALA B 79 -3.10 -2.49 12.14
CA ALA B 79 -2.34 -2.53 10.90
C ALA B 79 -3.12 -1.94 9.72
N ALA B 80 -2.43 -1.22 8.84
CA ALA B 80 -3.06 -0.70 7.63
C ALA B 80 -3.34 -1.87 6.69
N PRO B 81 -4.40 -1.77 5.88
CA PRO B 81 -4.64 -2.86 4.92
C PRO B 81 -3.56 -2.89 3.82
N PRO B 82 -3.27 -4.09 3.31
CA PRO B 82 -2.30 -4.17 2.21
C PRO B 82 -2.86 -3.55 0.95
N VAL B 83 -1.97 -2.98 0.15
CA VAL B 83 -2.33 -2.46 -1.16
C VAL B 83 -2.12 -3.54 -2.20
N ILE B 84 -3.17 -3.82 -2.97
CA ILE B 84 -3.10 -4.82 -4.04
C ILE B 84 -3.36 -4.11 -5.36
N HIS B 85 -2.39 -4.17 -6.26
CA HIS B 85 -2.51 -3.50 -7.56
CA HIS B 85 -2.52 -3.49 -7.55
C HIS B 85 -3.34 -4.36 -8.50
N ILE B 86 -4.34 -3.75 -9.13
CA ILE B 86 -5.18 -4.45 -10.10
C ILE B 86 -5.41 -3.50 -11.28
N ARG B 87 -5.88 -4.03 -12.40
CA ARG B 87 -6.05 -3.17 -13.57
C ARG B 87 -7.30 -2.30 -13.44
N SER B 88 -8.43 -2.92 -13.16
CA SER B 88 -9.69 -2.19 -13.04
C SER B 88 -10.64 -2.94 -12.11
N ARG B 89 -11.79 -2.33 -11.86
CA ARG B 89 -12.79 -2.90 -10.98
C ARG B 89 -13.23 -4.29 -11.47
N GLY B 90 -13.11 -4.51 -12.77
CA GLY B 90 -13.45 -5.79 -13.40
C GLY B 90 -12.67 -6.98 -12.86
N ASP B 91 -11.51 -6.72 -12.26
CA ASP B 91 -10.66 -7.79 -11.70
C ASP B 91 -11.17 -8.30 -10.33
N ILE B 92 -12.06 -7.54 -9.70
CA ILE B 92 -12.58 -7.91 -8.37
C ILE B 92 -13.79 -8.84 -8.54
N PRO B 93 -13.85 -9.94 -7.76
CA PRO B 93 -14.97 -10.87 -7.96
C PRO B 93 -16.33 -10.22 -7.75
N ARG B 94 -17.34 -10.74 -8.44
CA ARG B 94 -18.70 -10.22 -8.40
C ARG B 94 -19.23 -10.07 -6.97
N ALA B 95 -18.99 -11.08 -6.13
CA ALA B 95 -19.51 -11.07 -4.76
C ALA B 95 -18.82 -10.06 -3.84
N CYS B 96 -17.72 -9.48 -4.30
CA CYS B 96 -17.07 -8.41 -3.52
C CYS B 96 -17.48 -7.01 -3.96
N GLN B 97 -18.10 -6.89 -5.12
CA GLN B 97 -18.33 -5.57 -5.74
C GLN B 97 -19.08 -4.59 -4.83
N LYS B 98 -20.12 -5.06 -4.15
CA LYS B 98 -20.91 -4.18 -3.30
C LYS B 98 -20.24 -3.83 -1.98
N SER B 99 -19.09 -4.44 -1.69
CA SER B 99 -18.33 -4.15 -0.48
C SER B 99 -17.17 -3.18 -0.74
N LEU B 100 -17.08 -2.67 -1.96
CA LEU B 100 -16.03 -1.72 -2.31
C LEU B 100 -16.46 -0.30 -1.94
N ARG B 101 -15.55 0.45 -1.31
CA ARG B 101 -15.85 1.78 -0.79
C ARG B 101 -14.71 2.72 -1.08
N PRO B 102 -15.00 4.02 -1.08
CA PRO B 102 -13.90 5.00 -1.11
C PRO B 102 -13.00 4.76 0.11
N VAL B 103 -11.70 4.92 -0.08
CA VAL B 103 -10.74 4.71 1.02
C VAL B 103 -10.79 5.84 2.04
N PRO B 104 -11.01 5.50 3.32
CA PRO B 104 -11.02 6.47 4.42
C PRO B 104 -9.58 6.90 4.78
N PRO B 105 -9.41 7.88 5.70
N PRO B 105 -9.44 7.95 5.61
CA PRO B 105 -8.09 8.46 5.99
CA PRO B 105 -8.08 8.26 6.09
C PRO B 105 -6.79 7.60 6.20
C PRO B 105 -7.75 7.16 7.08
N SER B 106 -6.53 6.63 7.11
CA SER B 106 -7.14 6.02 8.28
CA SER B 106 -6.26 5.66 8.19
C SER B 106 -7.24 4.47 8.29
N PRO B 107 -7.42 3.80 7.14
CA PRO B 107 -8.07 2.49 7.27
C PRO B 107 -7.24 1.46 8.03
N LYS B 108 -7.91 0.57 8.74
CA LYS B 108 -7.25 -0.48 9.50
CA LYS B 108 -7.25 -0.48 9.50
C LYS B 108 -7.88 -1.84 9.22
N ILE B 109 -7.06 -2.88 9.21
CA ILE B 109 -7.56 -4.23 9.01
C ILE B 109 -8.49 -4.63 10.14
N ASP B 110 -8.13 -4.29 11.38
CA ASP B 110 -8.96 -4.71 12.51
C ASP B 110 -10.22 -3.87 12.68
N ARG B 111 -10.46 -2.94 11.74
CA ARG B 111 -11.69 -2.16 11.71
C ARG B 111 -12.54 -2.54 10.49
N GLY B 112 -12.15 -3.62 9.81
CA GLY B 112 -12.93 -4.15 8.69
C GLY B 112 -12.44 -3.85 7.29
N TRP B 113 -11.37 -3.08 7.20
CA TRP B 113 -10.77 -2.75 5.90
C TRP B 113 -9.78 -3.85 5.51
N VAL B 114 -10.25 -4.73 4.60
CA VAL B 114 -9.55 -5.96 4.24
C VAL B 114 -8.32 -5.67 3.41
N CYS B 115 -8.47 -4.75 2.47
CA CYS B 115 -7.37 -4.41 1.58
C CYS B 115 -7.75 -3.18 0.83
N VAL B 116 -6.77 -2.58 0.18
CA VAL B 116 -7.01 -1.42 -0.64
C VAL B 116 -6.56 -1.81 -2.03
N PHE B 117 -7.49 -1.74 -3.00
CA PHE B 117 -7.14 -2.03 -4.38
C PHE B 117 -6.67 -0.75 -5.05
N GLN B 118 -5.51 -0.85 -5.68
CA GLN B 118 -4.92 0.27 -6.42
C GLN B 118 -5.13 -0.03 -7.89
N LEU B 119 -6.06 0.69 -8.52
CA LEU B 119 -6.39 0.44 -9.92
C LEU B 119 -5.41 1.16 -10.82
N GLN B 120 -5.26 0.66 -12.04
CA GLN B 120 -4.20 1.14 -12.92
C GLN B 120 -4.36 2.61 -13.33
N ASP B 121 -5.60 3.11 -13.37
CA ASP B 121 -5.82 4.49 -13.78
C ASP B 121 -5.78 5.46 -12.60
N GLY B 122 -5.33 4.97 -11.45
CA GLY B 122 -5.13 5.83 -10.29
C GLY B 122 -6.24 5.74 -9.27
N LYS B 123 -7.38 5.19 -9.66
CA LYS B 123 -8.49 4.96 -8.73
C LYS B 123 -8.07 4.06 -7.57
N THR B 124 -8.67 4.26 -6.41
CA THR B 124 -8.38 3.42 -5.25
CA THR B 124 -8.38 3.46 -5.25
C THR B 124 -9.69 3.07 -4.56
N LEU B 125 -9.82 1.81 -4.16
CA LEU B 125 -11.05 1.37 -3.51
C LEU B 125 -10.69 0.44 -2.36
N GLY B 126 -11.35 0.64 -1.22
CA GLY B 126 -11.15 -0.24 -0.08
C GLY B 126 -12.22 -1.32 -0.07
N LEU B 127 -11.86 -2.51 0.42
CA LEU B 127 -12.82 -3.61 0.52
C LEU B 127 -13.20 -3.64 2.00
N LYS B 128 -14.48 -3.42 2.27
CA LYS B 128 -14.94 -3.24 3.65
C LYS B 128 -15.82 -4.38 4.12
N ILE B 129 -15.52 -4.94 5.29
CA ILE B 129 -16.46 -5.82 6.02
C ILE B 129 -16.99 -5.12 7.27
#